data_6STH
#
_entry.id   6STH
#
_cell.length_a   60.604
_cell.length_b   60.604
_cell.length_c   59.300
_cell.angle_alpha   90.00
_cell.angle_beta   90.00
_cell.angle_gamma   120.00
#
_symmetry.space_group_name_H-M   'P 3'
#
loop_
_entity.id
_entity.type
_entity.pdbx_description
1 polymer 'Fucose-binding lectin protein'
2 non-polymer GLYCEROL
3 non-polymer 'SULFATE ION'
4 non-polymer sulfonato-calix[8]arene
5 water water
#
_entity_poly.entity_id   1
_entity_poly.type   'polypeptide(L)'
_entity_poly.pdbx_seq_one_letter_code
;SSVQTAATSWGTVPSIRVYTANNGRITERCWDGRGWYTGAFNRPGRNVSVTSWLVGSAIHIRVYASTGTTTTEWCWDGNG
WTRGAYTATN
;
_entity_poly.pdbx_strand_id   A,B
#
loop_
_chem_comp.id
_chem_comp.type
_chem_comp.name
_chem_comp.formula
EVB non-polymer sulfonato-calix[8]arene 'C56 H48 O32 S8'
GOL non-polymer GLYCEROL 'C3 H8 O3'
SO4 non-polymer 'SULFATE ION' 'O4 S -2'
#
# COMPACT_ATOMS: atom_id res chain seq x y z
N SER A 1 5.44 22.95 -26.04
CA SER A 1 6.70 22.32 -26.48
C SER A 1 6.99 21.00 -25.77
N SER A 2 6.06 20.60 -24.90
CA SER A 2 6.17 19.37 -24.11
C SER A 2 4.82 19.11 -23.44
N VAL A 3 4.72 17.92 -22.81
CA VAL A 3 3.55 17.70 -22.00
C VAL A 3 3.71 18.55 -20.73
N GLN A 4 2.61 18.70 -20.00
CA GLN A 4 2.62 19.43 -18.73
C GLN A 4 2.08 18.51 -17.64
N THR A 5 2.75 18.42 -16.48
CA THR A 5 2.31 17.48 -15.48
C THR A 5 2.09 18.12 -14.11
N ALA A 6 1.40 17.35 -13.26
CA ALA A 6 1.13 17.75 -11.87
C ALA A 6 1.13 16.49 -11.04
N ALA A 7 1.61 16.57 -9.81
CA ALA A 7 1.78 15.36 -9.00
C ALA A 7 1.35 15.59 -7.55
N THR A 8 0.85 14.52 -6.92
CA THR A 8 0.52 14.53 -5.49
C THR A 8 0.82 13.13 -4.95
N SER A 9 1.01 13.06 -3.63
CA SER A 9 1.30 11.79 -2.98
C SER A 9 0.75 11.81 -1.56
N TRP A 10 0.59 10.63 -0.97
CA TRP A 10 0.07 10.55 0.38
C TRP A 10 0.46 9.22 1.03
N GLY A 11 0.48 9.23 2.34
CA GLY A 11 0.82 8.06 3.12
C GLY A 11 2.32 7.74 3.02
N THR A 12 2.65 6.56 3.56
CA THR A 12 4.04 6.16 3.63
C THR A 12 4.40 5.04 2.66
N VAL A 13 3.41 4.45 1.94
CA VAL A 13 3.78 3.50 0.90
C VAL A 13 4.76 4.12 -0.08
N PRO A 14 4.47 5.27 -0.73
CA PRO A 14 3.26 6.06 -0.69
C PRO A 14 2.33 5.73 -1.84
N SER A 15 1.21 6.44 -1.91
CA SER A 15 0.45 6.52 -3.15
C SER A 15 0.84 7.80 -3.85
N ILE A 16 0.97 7.73 -5.17
CA ILE A 16 1.33 8.87 -6.01
C ILE A 16 0.31 8.97 -7.15
N ARG A 17 -0.05 10.18 -7.54
CA ARG A 17 -0.86 10.36 -8.73
C ARG A 17 -0.16 11.42 -9.57
N VAL A 18 0.05 11.13 -10.85
CA VAL A 18 0.69 12.05 -11.80
C VAL A 18 -0.34 12.33 -12.88
N TYR A 19 -0.70 13.61 -13.03
CA TYR A 19 -1.64 14.04 -14.07
C TYR A 19 -0.86 14.67 -15.22
N THR A 20 -1.18 14.28 -16.45
CA THR A 20 -0.48 14.77 -17.63
C THR A 20 -1.47 15.37 -18.62
N ALA A 21 -1.27 16.63 -18.96
CA ALA A 21 -1.98 17.28 -20.03
C ALA A 21 -1.18 17.11 -21.32
N ASN A 22 -1.80 16.53 -22.34
CA ASN A 22 -1.14 16.28 -23.61
C ASN A 22 -2.24 16.13 -24.67
N ASN A 23 -2.04 16.78 -25.81
CA ASN A 23 -2.94 16.64 -26.98
C ASN A 23 -4.41 16.86 -26.63
N GLY A 24 -4.66 17.84 -25.79
CA GLY A 24 -6.03 18.25 -25.48
C GLY A 24 -6.70 17.54 -24.31
N ARG A 25 -6.05 16.55 -23.70
CA ARG A 25 -6.67 15.84 -22.59
C ARG A 25 -5.71 15.68 -21.43
N ILE A 26 -6.29 15.58 -20.24
CA ILE A 26 -5.54 15.31 -19.00
C ILE A 26 -5.86 13.89 -18.57
N THR A 27 -4.81 13.07 -18.44
CA THR A 27 -4.96 11.69 -18.00
C THR A 27 -4.13 11.51 -16.75
N GLU A 28 -4.31 10.35 -16.11
CA GLU A 28 -3.80 10.09 -14.77
C GLU A 28 -3.07 8.75 -14.73
N ARG A 29 -1.90 8.73 -14.11
CA ARG A 29 -1.13 7.53 -13.84
C ARG A 29 -0.95 7.41 -12.34
N CYS A 30 -1.09 6.18 -11.83
CA CYS A 30 -1.24 5.92 -10.42
C CYS A 30 -0.18 4.94 -9.95
N TRP A 31 0.35 5.19 -8.76
CA TRP A 31 1.25 4.30 -8.04
C TRP A 31 0.66 4.07 -6.66
N ASP A 32 0.49 2.79 -6.30
CA ASP A 32 0.07 2.40 -4.96
C ASP A 32 1.08 1.39 -4.40
N GLY A 33 2.31 1.43 -4.89
CA GLY A 33 3.37 0.58 -4.40
C GLY A 33 3.56 -0.72 -5.16
N ARG A 34 2.72 -0.99 -6.17
CA ARG A 34 2.77 -2.25 -6.91
C ARG A 34 2.92 -2.07 -8.41
N GLY A 35 3.42 -0.94 -8.85
CA GLY A 35 3.49 -0.73 -10.28
C GLY A 35 2.58 0.43 -10.71
N TRP A 36 2.96 1.07 -11.80
CA TRP A 36 2.16 2.16 -12.35
C TRP A 36 0.99 1.65 -13.17
N TYR A 37 -0.16 2.29 -13.02
CA TYR A 37 -1.37 1.96 -13.76
C TYR A 37 -2.13 3.24 -14.12
N THR A 38 -2.99 3.12 -15.12
CA THR A 38 -3.77 4.25 -15.60
C THR A 38 -5.01 4.41 -14.74
N GLY A 39 -5.24 5.64 -14.27
CA GLY A 39 -6.37 5.93 -13.40
C GLY A 39 -7.62 6.31 -14.14
N ALA A 40 -8.70 6.45 -13.37
CA ALA A 40 -10.01 6.75 -13.94
C ALA A 40 -10.09 8.20 -14.44
N PHE A 41 -9.29 9.12 -13.91
CA PHE A 41 -9.43 10.52 -14.28
C PHE A 41 -9.12 10.72 -15.76
N ASN A 42 -10.04 11.39 -16.46
CA ASN A 42 -9.81 11.72 -17.86
C ASN A 42 -10.74 12.88 -18.21
N ARG A 43 -10.17 14.05 -18.46
CA ARG A 43 -10.92 15.26 -18.71
C ARG A 43 -10.20 16.06 -19.78
N PRO A 44 -10.91 16.94 -20.50
CA PRO A 44 -10.22 17.85 -21.42
C PRO A 44 -9.36 18.85 -20.67
N GLY A 45 -8.30 19.30 -21.32
CA GLY A 45 -7.54 20.41 -20.76
C GLY A 45 -6.14 20.53 -21.33
N ARG A 46 -5.54 21.68 -21.13
CA ARG A 46 -4.16 21.99 -21.55
C ARG A 46 -3.26 22.21 -20.34
N ASN A 47 -3.83 22.46 -19.17
CA ASN A 47 -3.03 22.73 -17.98
C ASN A 47 -3.71 22.03 -16.81
N VAL A 48 -2.93 21.47 -15.93
CA VAL A 48 -3.46 20.79 -14.75
C VAL A 48 -2.63 21.15 -13.51
N SER A 49 -3.31 21.29 -12.39
CA SER A 49 -2.65 21.31 -11.08
C SER A 49 -3.45 20.40 -10.17
N VAL A 50 -2.85 19.98 -9.05
CA VAL A 50 -3.52 19.07 -8.14
C VAL A 50 -3.08 19.34 -6.70
N THR A 51 -4.01 19.07 -5.77
CA THR A 51 -3.67 19.00 -4.35
C THR A 51 -4.49 17.89 -3.71
N SER A 52 -3.99 17.34 -2.61
CA SER A 52 -4.74 16.30 -1.93
C SER A 52 -4.49 16.34 -0.42
N TRP A 53 -5.37 15.69 0.32
CA TRP A 53 -5.23 15.63 1.77
C TRP A 53 -5.92 14.37 2.26
N LEU A 54 -5.47 13.89 3.40
CA LEU A 54 -6.04 12.73 4.04
C LEU A 54 -6.97 13.17 5.15
N VAL A 55 -8.04 12.42 5.32
CA VAL A 55 -8.91 12.48 6.49
C VAL A 55 -8.86 11.08 7.07
N GLY A 56 -7.98 10.88 8.04
CA GLY A 56 -7.67 9.54 8.49
C GLY A 56 -6.97 8.73 7.43
N SER A 57 -7.61 7.65 6.99
CA SER A 57 -7.08 6.80 5.92
C SER A 57 -7.57 7.19 4.54
N ALA A 58 -8.60 8.04 4.45
CA ALA A 58 -9.30 8.29 3.20
C ALA A 58 -8.66 9.48 2.50
N ILE A 59 -8.36 9.31 1.20
CA ILE A 59 -7.73 10.38 0.44
C ILE A 59 -8.80 11.21 -0.22
N HIS A 60 -8.53 12.52 -0.30
CA HIS A 60 -9.37 13.49 -0.99
C HIS A 60 -8.47 14.24 -1.97
N ILE A 61 -8.86 14.24 -3.24
CA ILE A 61 -8.04 14.83 -4.30
C ILE A 61 -8.83 15.95 -4.98
N ARG A 62 -8.14 17.04 -5.34
CA ARG A 62 -8.74 18.10 -6.13
C ARG A 62 -7.82 18.37 -7.31
N VAL A 63 -8.34 18.22 -8.51
CA VAL A 63 -7.62 18.46 -9.76
C VAL A 63 -8.23 19.70 -10.41
N TYR A 64 -7.38 20.66 -10.75
CA TYR A 64 -7.84 21.90 -11.42
C TYR A 64 -7.40 21.76 -12.87
N ALA A 65 -8.39 21.47 -13.74
CA ALA A 65 -8.16 21.25 -15.16
C ALA A 65 -8.60 22.49 -15.95
N SER A 66 -7.70 23.03 -16.75
CA SER A 66 -7.96 24.24 -17.50
C SER A 66 -7.91 23.96 -19.00
N THR A 67 -9.03 24.18 -19.66
CA THR A 67 -9.12 24.15 -21.10
C THR A 67 -8.73 25.54 -21.58
N GLY A 68 -8.91 25.83 -22.87
CA GLY A 68 -8.68 27.19 -23.33
C GLY A 68 -9.63 28.19 -22.71
N THR A 69 -10.81 27.73 -22.31
CA THR A 69 -11.90 28.58 -21.84
C THR A 69 -11.99 28.69 -20.31
N THR A 70 -11.84 27.55 -19.61
CA THR A 70 -12.44 27.37 -18.29
C THR A 70 -11.54 26.52 -17.42
N THR A 71 -11.45 26.85 -16.14
CA THR A 71 -10.80 26.00 -15.13
C THR A 71 -11.91 25.29 -14.36
N THR A 72 -11.88 23.97 -14.36
CA THR A 72 -12.88 23.14 -13.69
C THR A 72 -12.18 22.33 -12.60
N GLU A 73 -12.78 22.32 -11.41
CA GLU A 73 -12.28 21.53 -10.30
C GLU A 73 -12.95 20.16 -10.32
N TRP A 74 -12.15 19.10 -10.22
CA TRP A 74 -12.64 17.73 -10.16
C TRP A 74 -12.26 17.12 -8.83
N CYS A 75 -13.22 16.44 -8.20
CA CYS A 75 -13.08 16.01 -6.82
C CYS A 75 -13.07 14.49 -6.75
N TRP A 76 -12.10 13.94 -6.05
CA TRP A 76 -12.11 12.54 -5.69
C TRP A 76 -12.25 12.47 -4.17
N ASP A 77 -13.32 11.84 -3.70
CA ASP A 77 -13.57 11.70 -2.28
C ASP A 77 -13.93 10.25 -1.94
N GLY A 78 -13.41 9.31 -2.72
CA GLY A 78 -13.58 7.88 -2.47
C GLY A 78 -14.59 7.18 -3.35
N ASN A 79 -15.45 7.90 -4.06
CA ASN A 79 -16.50 7.27 -4.85
C ASN A 79 -16.70 8.00 -6.19
N GLY A 80 -15.65 8.01 -7.01
CA GLY A 80 -15.70 8.59 -8.33
C GLY A 80 -15.37 10.08 -8.36
N TRP A 81 -15.00 10.53 -9.55
CA TRP A 81 -14.72 11.94 -9.78
C TRP A 81 -15.98 12.74 -9.97
N THR A 82 -16.10 13.84 -9.22
CA THR A 82 -17.27 14.70 -9.29
C THR A 82 -16.85 16.15 -9.49
N ARG A 83 -17.74 16.93 -10.13
CA ARG A 83 -17.49 18.34 -10.38
C ARG A 83 -17.49 19.13 -9.09
N GLY A 84 -16.47 19.96 -8.89
CA GLY A 84 -16.38 20.75 -7.68
C GLY A 84 -16.98 22.13 -7.83
N ALA A 85 -17.16 22.80 -6.68
CA ALA A 85 -17.77 24.13 -6.64
C ALA A 85 -16.85 25.24 -7.10
N TYR A 86 -15.56 24.96 -7.30
CA TYR A 86 -14.61 26.00 -7.69
C TYR A 86 -15.08 26.83 -8.88
N THR A 87 -14.92 28.16 -8.77
CA THR A 87 -15.05 29.09 -9.87
C THR A 87 -13.89 30.09 -9.79
N ALA A 88 -13.46 30.56 -10.96
CA ALA A 88 -12.32 31.46 -11.02
C ALA A 88 -12.69 32.88 -10.58
N THR A 89 -13.98 33.24 -10.72
CA THR A 89 -14.50 34.56 -10.38
C THR A 89 -15.87 34.34 -9.76
N ASN A 90 -16.26 35.23 -8.84
CA ASN A 90 -17.68 35.20 -8.43
C ASN A 90 -18.26 36.62 -8.37
N SER B 2 12.27 -17.96 -7.47
CA SER B 2 11.50 -16.91 -6.80
C SER B 2 10.90 -17.10 -5.42
N VAL B 3 10.40 -18.27 -5.10
CA VAL B 3 9.80 -18.45 -3.78
C VAL B 3 10.88 -18.44 -2.71
N GLN B 4 10.64 -17.68 -1.63
CA GLN B 4 11.57 -17.55 -0.51
C GLN B 4 10.82 -17.92 0.77
N THR B 5 11.43 -18.76 1.63
CA THR B 5 10.69 -19.17 2.82
C THR B 5 11.48 -18.90 4.10
N ALA B 6 10.76 -18.99 5.21
CA ALA B 6 11.34 -18.84 6.54
C ALA B 6 10.54 -19.75 7.46
N ALA B 7 11.21 -20.36 8.45
CA ALA B 7 10.52 -21.36 9.27
C ALA B 7 10.91 -21.24 10.74
N THR B 8 9.96 -21.55 11.63
CA THR B 8 10.23 -21.60 13.08
C THR B 8 9.40 -22.74 13.67
N SER B 9 9.82 -23.24 14.83
CA SER B 9 9.09 -24.33 15.47
C SER B 9 9.23 -24.20 16.98
N TRP B 10 8.33 -24.88 17.71
CA TRP B 10 8.37 -24.81 19.17
C TRP B 10 7.67 -26.01 19.78
N GLY B 11 8.06 -26.31 21.01
CA GLY B 11 7.47 -27.42 21.74
C GLY B 11 7.93 -28.77 21.19
N THR B 12 7.28 -29.82 21.70
CA THR B 12 7.67 -31.17 21.34
C THR B 12 6.67 -31.86 20.42
N VAL B 13 5.49 -31.27 20.16
CA VAL B 13 4.61 -31.86 19.16
C VAL B 13 5.34 -32.06 17.84
N PRO B 14 5.96 -31.04 17.22
CA PRO B 14 5.99 -29.63 17.61
C PRO B 14 4.93 -28.83 16.87
N SER B 15 4.87 -27.53 17.11
CA SER B 15 4.20 -26.62 16.19
C SER B 15 5.26 -26.06 15.26
N ILE B 16 4.90 -25.88 13.98
CA ILE B 16 5.78 -25.33 12.94
C ILE B 16 5.04 -24.20 12.24
N ARG B 17 5.76 -23.15 11.86
CA ARG B 17 5.18 -22.13 11.00
C ARG B 17 6.16 -21.87 9.87
N VAL B 18 5.68 -21.90 8.63
CA VAL B 18 6.47 -21.72 7.44
C VAL B 18 5.87 -20.51 6.73
N TYR B 19 6.68 -19.46 6.55
CA TYR B 19 6.26 -18.24 5.86
C TYR B 19 6.84 -18.25 4.46
N THR B 20 6.02 -17.97 3.46
CA THR B 20 6.47 -17.99 2.08
C THR B 20 6.21 -16.63 1.42
N ALA B 21 7.25 -16.01 0.92
CA ALA B 21 7.13 -14.80 0.10
C ALA B 21 7.02 -15.20 -1.37
N ASN B 22 5.93 -14.80 -2.02
CA ASN B 22 5.69 -15.19 -3.40
C ASN B 22 4.71 -14.19 -4.01
N ASN B 23 5.02 -13.72 -5.23
CA ASN B 23 4.17 -12.81 -5.99
C ASN B 23 3.75 -11.60 -5.17
N GLY B 24 4.67 -11.09 -4.37
CA GLY B 24 4.46 -9.85 -3.66
C GLY B 24 3.82 -9.96 -2.30
N ARG B 25 3.47 -11.18 -1.85
CA ARG B 25 2.85 -11.33 -0.53
C ARG B 25 3.53 -12.45 0.24
N ILE B 26 3.47 -12.34 1.57
CA ILE B 26 3.98 -13.37 2.49
C ILE B 26 2.79 -14.00 3.15
N THR B 27 2.67 -15.32 3.00
CA THR B 27 1.57 -16.09 3.57
C THR B 27 2.20 -17.11 4.52
N GLU B 28 1.35 -17.77 5.28
CA GLU B 28 1.79 -18.60 6.40
C GLU B 28 1.08 -19.94 6.36
N ARG B 29 1.82 -21.02 6.55
CA ARG B 29 1.28 -22.37 6.65
C ARG B 29 1.70 -22.92 8.00
N CYS B 30 0.76 -23.61 8.66
CA CYS B 30 0.88 -23.97 10.06
C CYS B 30 0.72 -25.46 10.25
N TRP B 31 1.53 -25.99 11.15
CA TRP B 31 1.45 -27.36 11.62
C TRP B 31 1.39 -27.35 13.14
N ASP B 32 0.35 -27.97 13.68
CA ASP B 32 0.19 -28.18 15.12
C ASP B 32 0.02 -29.66 15.40
N GLY B 33 0.55 -30.50 14.52
CA GLY B 33 0.52 -31.95 14.70
C GLY B 33 -0.65 -32.68 14.08
N ARG B 34 -1.59 -31.94 13.44
CA ARG B 34 -2.79 -32.57 12.89
C ARG B 34 -2.99 -32.26 11.42
N GLY B 35 -1.95 -31.87 10.71
CA GLY B 35 -2.13 -31.47 9.33
C GLY B 35 -1.79 -30.03 9.09
N TRP B 36 -1.39 -29.72 7.86
CA TRP B 36 -1.05 -28.34 7.51
C TRP B 36 -2.30 -27.53 7.18
N TYR B 37 -2.31 -26.28 7.66
CA TYR B 37 -3.40 -25.34 7.43
C TYR B 37 -2.84 -23.94 7.22
N THR B 38 -3.64 -23.09 6.59
CA THR B 38 -3.24 -21.72 6.29
C THR B 38 -3.48 -20.82 7.50
N GLY B 39 -2.47 -20.09 7.89
CA GLY B 39 -2.55 -19.22 9.05
C GLY B 39 -3.07 -17.83 8.74
N ALA B 40 -3.29 -17.08 9.81
CA ALA B 40 -3.84 -15.73 9.67
C ALA B 40 -2.85 -14.74 9.07
N PHE B 41 -1.55 -14.98 9.20
CA PHE B 41 -0.58 -13.98 8.74
C PHE B 41 -0.65 -13.76 7.23
N ASN B 42 -0.76 -12.49 6.82
CA ASN B 42 -0.79 -12.17 5.40
C ASN B 42 -0.41 -10.71 5.26
N ARG B 43 0.75 -10.45 4.69
CA ARG B 43 1.33 -9.11 4.58
C ARG B 43 2.05 -9.00 3.25
N PRO B 44 2.22 -7.78 2.73
CA PRO B 44 3.05 -7.62 1.53
C PRO B 44 4.52 -7.91 1.83
N GLY B 45 5.24 -8.36 0.81
CA GLY B 45 6.69 -8.49 0.96
C GLY B 45 7.33 -9.38 -0.09
N ARG B 46 8.64 -9.17 -0.26
CA ARG B 46 9.48 -9.97 -1.13
C ARG B 46 10.41 -10.91 -0.36
N ASN B 47 10.64 -10.63 0.90
CA ASN B 47 11.58 -11.38 1.74
C ASN B 47 11.01 -11.49 3.14
N VAL B 48 11.23 -12.65 3.76
CA VAL B 48 10.74 -12.85 5.12
C VAL B 48 11.78 -13.57 5.97
N SER B 49 11.89 -13.21 7.24
CA SER B 49 12.60 -14.01 8.25
C SER B 49 11.70 -14.08 9.47
N VAL B 50 11.96 -15.07 10.35
CA VAL B 50 11.13 -15.24 11.54
C VAL B 50 11.96 -15.77 12.68
N THR B 51 11.55 -15.43 13.91
CA THR B 51 12.04 -16.04 15.13
C THR B 51 10.87 -16.16 16.11
N SER B 52 10.99 -17.08 17.04
CA SER B 52 9.96 -17.24 18.04
C SER B 52 10.56 -17.75 19.35
N TRP B 53 9.79 -17.59 20.43
CA TRP B 53 10.25 -18.04 21.74
C TRP B 53 9.02 -18.29 22.56
N LEU B 54 9.15 -19.20 23.51
CA LEU B 54 8.08 -19.54 24.44
C LEU B 54 8.30 -18.81 25.75
N VAL B 55 7.19 -18.38 26.35
CA VAL B 55 7.17 -17.93 27.74
C VAL B 55 6.21 -18.90 28.42
N GLY B 56 6.76 -19.93 29.04
CA GLY B 56 5.96 -21.03 29.53
C GLY B 56 5.33 -21.79 28.38
N SER B 57 4.00 -21.79 28.33
CA SER B 57 3.26 -22.47 27.28
C SER B 57 2.95 -21.56 26.09
N ALA B 58 3.14 -20.25 26.22
CA ALA B 58 2.64 -19.28 25.27
C ALA B 58 3.72 -18.96 24.25
N ILE B 59 3.36 -19.00 22.97
CA ILE B 59 4.34 -18.73 21.91
C ILE B 59 4.30 -17.26 21.56
N HIS B 60 5.48 -16.71 21.25
CA HIS B 60 5.66 -15.35 20.79
C HIS B 60 6.45 -15.43 19.49
N ILE B 61 5.90 -14.85 18.42
CA ILE B 61 6.51 -14.93 17.09
C ILE B 61 6.82 -13.51 16.63
N ARG B 62 7.94 -13.35 15.93
CA ARG B 62 8.28 -12.08 15.28
C ARG B 62 8.62 -12.41 13.84
N VAL B 63 7.90 -11.82 12.90
CA VAL B 63 8.11 -12.01 11.45
C VAL B 63 8.63 -10.70 10.91
N TYR B 64 9.74 -10.76 10.19
CA TYR B 64 10.34 -9.55 9.60
C TYR B 64 10.05 -9.61 8.11
N ALA B 65 9.09 -8.77 7.68
CA ALA B 65 8.61 -8.73 6.31
C ALA B 65 9.19 -7.52 5.59
N SER B 66 9.83 -7.77 4.48
CA SER B 66 10.50 -6.73 3.71
C SER B 66 9.88 -6.60 2.33
N THR B 67 9.33 -5.42 2.06
CA THR B 67 8.84 -5.04 0.74
C THR B 67 10.04 -4.49 -0.02
N GLY B 68 9.81 -3.87 -1.18
CA GLY B 68 10.92 -3.20 -1.85
C GLY B 68 11.45 -2.04 -1.05
N THR B 69 10.59 -1.42 -0.24
CA THR B 69 10.88 -0.20 0.50
C THR B 69 11.32 -0.43 1.93
N THR B 70 10.64 -1.33 2.67
CA THR B 70 10.59 -1.26 4.12
C THR B 70 10.57 -2.65 4.73
N THR B 71 11.24 -2.78 5.86
CA THR B 71 11.16 -3.99 6.71
C THR B 71 10.23 -3.66 7.86
N THR B 72 9.16 -4.44 8.00
CA THR B 72 8.18 -4.24 9.05
C THR B 72 8.17 -5.49 9.91
N GLU B 73 8.22 -5.32 11.23
CA GLU B 73 8.14 -6.43 12.18
C GLU B 73 6.67 -6.66 12.54
N TRP B 74 6.22 -7.91 12.47
CA TRP B 74 4.87 -8.29 12.85
C TRP B 74 4.94 -9.22 14.06
N CYS B 75 4.08 -8.99 15.04
CA CYS B 75 4.18 -9.66 16.33
C CYS B 75 2.95 -10.53 16.57
N TRP B 76 3.20 -11.76 16.95
CA TRP B 76 2.15 -12.63 17.46
C TRP B 76 2.43 -12.89 18.93
N ASP B 77 1.49 -12.50 19.79
CA ASP B 77 1.64 -12.68 21.23
C ASP B 77 0.39 -13.31 21.84
N GLY B 78 -0.35 -14.08 21.04
CA GLY B 78 -1.51 -14.79 21.50
C GLY B 78 -2.84 -14.19 21.09
N ASN B 79 -2.87 -12.94 20.64
CA ASN B 79 -4.14 -12.28 20.32
C ASN B 79 -4.01 -11.43 19.04
N GLY B 80 -3.71 -12.09 17.93
CA GLY B 80 -3.65 -11.43 16.65
C GLY B 80 -2.27 -10.86 16.35
N TRP B 81 -2.05 -10.61 15.06
CA TRP B 81 -0.82 -10.00 14.58
C TRP B 81 -0.84 -8.48 14.74
N THR B 82 0.22 -7.94 15.35
CA THR B 82 0.34 -6.51 15.57
C THR B 82 1.68 -5.99 15.08
N ARG B 83 1.69 -4.71 14.73
CA ARG B 83 2.90 -4.02 14.28
C ARG B 83 3.90 -3.86 15.41
N GLY B 84 5.16 -4.24 15.16
CA GLY B 84 6.17 -4.15 16.18
C GLY B 84 6.97 -2.86 16.09
N ALA B 85 7.75 -2.60 17.15
CA ALA B 85 8.53 -1.38 17.22
C ALA B 85 9.77 -1.39 16.34
N TYR B 86 10.14 -2.54 15.76
CA TYR B 86 11.36 -2.62 14.95
C TYR B 86 11.46 -1.52 13.92
N THR B 87 12.67 -0.94 13.81
CA THR B 87 13.06 -0.11 12.68
C THR B 87 14.49 -0.47 12.29
N ALA B 88 14.79 -0.32 11.00
CA ALA B 88 16.10 -0.64 10.47
C ALA B 88 17.17 0.39 10.86
N THR B 89 16.77 1.60 11.20
CA THR B 89 17.69 2.69 11.53
C THR B 89 17.09 3.45 12.72
N ASN B 90 17.97 4.13 13.46
CA ASN B 90 17.49 4.97 14.56
C ASN B 90 17.76 6.44 14.28
C1 GOL C . -15.71 21.11 -3.58
O1 GOL C . -17.04 21.30 -4.13
C2 GOL C . -15.20 22.49 -3.14
O2 GOL C . -15.03 23.38 -4.24
C3 GOL C . -13.87 22.29 -2.38
O3 GOL C . -13.00 21.47 -3.17
C1 GOL D . -9.09 8.03 -9.05
O1 GOL D . -8.81 8.10 -10.46
C2 GOL D . -7.86 7.52 -8.35
O2 GOL D . -6.80 8.40 -8.38
C3 GOL D . -8.26 7.24 -6.88
O3 GOL D . -7.26 6.47 -6.28
S SO4 E . -15.14 7.96 -12.25
O1 SO4 E . -14.24 7.52 -11.21
O2 SO4 E . -16.27 7.03 -12.35
O3 SO4 E . -15.63 9.29 -11.96
O4 SO4 E . -14.41 7.97 -13.53
C11 EVB F . -12.58 11.96 -30.63
C12 EVB F . -12.37 11.90 -29.27
C13 EVB F . -11.27 12.56 -28.72
C14 EVB F . -13.31 11.07 -28.40
C15 EVB F . -10.67 17.63 -25.78
C17 EVB F . -9.81 19.99 -25.38
C18 EVB F . -10.02 21.33 -25.20
C19 EVB F . -11.31 21.84 -25.23
C20 EVB F . -12.36 20.99 -25.44
C21 EVB F . -12.14 19.64 -25.64
C22 EVB F . -14.44 11.87 -27.73
C23 EVB F . -14.24 12.38 -26.44
C1 EVB F . -8.62 16.42 -29.38
C2 EVB F . -9.26 15.50 -28.58
C3 EVB F . -9.90 15.90 -27.41
C4 EVB F . -9.93 17.23 -27.07
C5 EVB F . -9.29 18.17 -27.87
C6 EVB F . -8.63 17.77 -29.02
C7 EVB F . -9.21 14.02 -28.94
C8 EVB F . -10.42 13.31 -29.52
C9 EVB F . -10.63 13.35 -30.89
C10 EVB F . -11.72 12.69 -31.44
C16 EVB F . -10.86 19.12 -25.58
C24 EVB F . -15.26 13.09 -25.82
C25 EVB F . -16.47 13.30 -26.47
C26 EVB F . -16.65 12.78 -27.74
C27 EVB F . -15.65 12.06 -28.37
C28 EVB F . -15.08 13.69 -24.43
C29 EVB F . -13.77 21.54 -25.51
C30 EVB F . -15.46 12.67 -23.34
C31 EVB F . -15.13 13.02 -22.04
C32 EVB F . -15.43 12.14 -21.00
C33 EVB F . -16.09 10.93 -21.26
C34 EVB F . -16.42 10.61 -22.57
C35 EVB F . -16.11 11.48 -23.61
C36 EVB F . -14.54 21.28 -24.24
C37 EVB F . -14.53 22.21 -23.23
C38 EVB F . -15.24 21.99 -22.08
C39 EVB F . -15.99 20.84 -21.88
C40 EVB F . -16.02 19.90 -22.90
C41 EVB F . -15.31 20.13 -24.08
C42 EVB F . -15.05 12.51 -19.57
C43 EVB F . -16.82 18.62 -22.82
C44 EVB F . -16.06 13.35 -18.80
C45 EVB F . -16.06 14.74 -18.85
C46 EVB F . -16.98 15.45 -18.09
C47 EVB F . -17.91 14.77 -17.31
C48 EVB F . -17.92 13.39 -17.28
C49 EVB F . -16.99 12.67 -18.00
C50 EVB F . -17.63 18.40 -21.56
C51 EVB F . -18.97 18.70 -21.47
C52 EVB F . -19.66 18.45 -20.32
C53 EVB F . -19.04 17.90 -19.22
C54 EVB F . -17.69 17.58 -19.29
C55 EVB F . -16.99 17.85 -20.47
O1 EVB F . -15.14 15.44 -19.62
O2 EVB F . -14.50 14.23 -21.83
O3 EVB F . -13.02 12.16 -25.80
O4 EVB F . -11.04 12.50 -27.34
O5 EVB F . -10.55 14.97 -26.62
O6 EVB F . -13.22 18.78 -25.90
O7 EVB F . -15.34 19.18 -25.10
O8 EVB F . -15.65 17.56 -20.62
S64 EVB F . -19.16 12.52 -16.24
S65 EVB F . -17.27 9.06 -22.97
S66 EVB F . -18.27 13.06 -28.55
S67 EVB F . -12.02 12.76 -33.23
S68 EVB F . -7.78 18.99 -30.05
S69 EVB F . -8.64 22.45 -24.92
S70 EVB F . -15.14 23.27 -20.80
S71 EVB F . -21.43 18.89 -20.23
C72 EVB F . -16.98 16.97 -18.08
O9 EVB F . -19.16 13.29 -14.77
O10 EVB F . -20.65 12.64 -16.93
O11 EVB F . -18.73 10.94 -16.07
O12 EVB F . -16.16 7.93 -23.45
O13 EVB F . -18.07 8.51 -21.65
O14 EVB F . -18.31 9.43 -24.19
O15 EVB F . -18.13 12.80 -30.17
O16 EVB F . -19.31 11.97 -27.88
O17 EVB F . -18.79 14.61 -28.23
O18 EVB F . -10.56 12.81 -34.01
O19 EVB F . -12.88 14.14 -33.57
O20 EVB F . -12.83 11.40 -33.66
O21 EVB F . -8.29 20.51 -29.67
O22 EVB F . -8.15 18.69 -31.64
O23 EVB F . -6.15 18.84 -29.86
O24 EVB F . -8.01 22.14 -23.41
O25 EVB F . -9.17 23.96 -24.89
O26 EVB F . -7.45 22.20 -26.01
O27 EVB F . -16.61 23.93 -20.55
O28 EVB F . -14.06 24.42 -21.26
O29 EVB F . -14.62 22.51 -19.45
O30 EVB F . -22.25 17.56 -19.69
O31 EVB F . -21.64 20.17 -19.24
O32 EVB F . -21.94 19.25 -21.77
C1 GOL G . -18.48 14.22 -22.83
O1 GOL G . -18.78 15.46 -23.44
C2 GOL G . -19.67 13.81 -21.93
O2 GOL G . -19.49 12.54 -21.41
C3 GOL G . -19.73 14.88 -20.83
O3 GOL G . -20.69 14.44 -19.88
C11 EVB H . -5.25 -4.14 -0.51
C12 EVB H . -4.61 -5.35 -0.28
C13 EVB H . -4.84 -6.43 -1.12
C14 EVB H . -3.64 -5.45 0.88
C15 EVB H . -1.75 -8.95 -5.37
C17 EVB H . 0.39 -7.96 -6.26
C18 EVB H . 1.58 -7.26 -6.08
C19 EVB H . 1.89 -6.76 -4.83
C20 EVB H . 1.03 -6.93 -3.76
C21 EVB H . -0.12 -7.65 -3.93
C22 EVB H . -4.35 -5.95 2.13
C23 EVB H . -3.57 -6.32 3.22
C1 EVB H . -5.59 -7.03 -5.54
C2 EVB H . -5.14 -7.55 -4.35
C3 EVB H . -3.89 -8.18 -4.30
C4 EVB H . -3.10 -8.24 -5.43
C5 EVB H . -3.56 -7.72 -6.62
C6 EVB H . -4.80 -7.10 -6.68
C7 EVB H . -6.03 -7.49 -3.11
C8 EVB H . -5.74 -6.30 -2.20
C9 EVB H . -6.39 -5.09 -2.41
C10 EVB H . -6.13 -4.01 -1.57
C16 EVB H . -0.47 -8.14 -5.18
C24 EVB H . -4.15 -6.78 4.39
C25 EVB H . -5.55 -6.89 4.47
C26 EVB H . -6.32 -6.52 3.38
C27 EVB H . -5.72 -6.05 2.21
C28 EVB H . -3.27 -7.19 5.56
C29 EVB H . 1.36 -6.40 -2.35
C30 EVB H . -2.86 -6.06 6.51
C31 EVB H . -1.72 -5.30 6.29
C32 EVB H . -1.36 -4.30 7.20
C33 EVB H . -2.16 -4.08 8.34
C34 EVB H . -3.30 -4.85 8.55
C35 EVB H . -3.64 -5.84 7.65
C36 EVB H . 2.56 -5.47 -2.28
C37 EVB H . 3.86 -5.89 -2.53
C38 EVB H . 4.90 -4.99 -2.42
C39 EVB H . 4.68 -3.69 -2.07
C40 EVB H . 3.39 -3.26 -1.82
C41 EVB H . 2.34 -4.15 -1.94
C42 EVB H . -0.12 -3.45 7.02
C43 EVB H . 3.16 -1.81 -1.46
C44 EVB H . -0.33 -2.29 6.08
C45 EVB H . -0.11 -2.45 4.72
C46 EVB H . -0.28 -1.37 3.86
C47 EVB H . -0.70 -0.14 4.36
C48 EVB H . -0.92 0.00 5.70
C49 EVB H . -0.73 -1.06 6.58
C50 EVB H . 2.91 -1.61 0.02
C51 EVB H . 3.97 -1.32 0.86
C52 EVB H . 3.75 -1.12 2.20
C53 EVB H . 2.46 -1.21 2.74
C54 EVB H . 1.40 -1.50 1.88
C55 EVB H . 1.62 -1.68 0.53
O1 EVB H . 0.31 -3.66 4.18
O2 EVB H . -0.96 -5.53 5.14
O3 EVB H . -2.20 -6.15 3.10
O4 EVB H . -4.21 -7.65 -0.91
O5 EVB H . -3.46 -8.72 -3.09
O6 EVB H . -0.99 -7.83 -2.86
O7 EVB H . 1.03 -3.71 -1.70
O8 EVB H . 0.55 -1.97 -0.31
S64 EVB H . -1.45 1.60 6.40
S65 EVB H . -4.37 -4.60 10.02
S66 EVB H . -8.13 -6.65 3.45
S67 EVB H . -6.95 -2.44 -1.83
S68 EVB H . -5.39 -6.40 -8.24
S69 EVB H . 2.71 -7.02 -7.47
S70 EVB H . 6.60 -5.50 -2.73
S71 EVB H . 5.17 -0.77 3.26
C72 EVB H . -0.05 -1.59 2.37
O9 EVB H . -1.98 2.56 5.17
O10 EVB H . -2.66 1.33 7.47
O11 EVB H . -0.16 2.30 7.17
O12 EVB H . -4.27 -3.04 10.53
O13 EVB H . -5.94 -4.90 9.59
O14 EVB H . -3.90 -5.63 11.20
O15 EVB H . -8.75 -5.73 2.23
O16 EVB H . -8.58 -8.21 3.25
O17 EVB H . -8.66 -6.10 4.91
O18 EVB H . -5.89 -1.21 -1.56
O19 EVB H . -8.17 -2.35 -0.71
O20 EVB H . -7.57 -2.35 -3.35
O21 EVB H . -6.98 -6.01 -8.08
O22 EVB H . -4.49 -5.07 -8.64
O23 EVB H . -5.23 -7.55 -9.41
O24 EVB H . 1.85 -6.35 -8.72
O25 EVB H . 3.29 -8.49 -7.97
O26 EVB H . 3.93 -6.01 -7.06
O27 EVB H . 6.70 -6.31 -4.12
O28 EVB H . 7.10 -6.54 -1.53
O29 EVB H . 7.59 -4.21 -2.74
O30 EVB H . 5.14 0.81 3.75
O31 EVB H . 5.08 -1.74 4.59
O32 EVB H . 6.55 -1.07 2.44
C1 GOL I . -4.59 -2.48 5.41
O1 GOL I . -5.73 -3.06 6.02
C2 GOL I . -4.89 -2.47 3.90
O2 GOL I . -5.94 -1.62 3.57
C3 GOL I . -3.59 -2.04 3.22
O3 GOL I . -3.76 -2.23 1.85
C1 GOL J . -1.13 -16.93 13.72
O1 GOL J . -1.12 -16.71 12.30
C2 GOL J . -0.56 -18.29 14.01
O2 GOL J . 0.75 -18.46 13.65
C3 GOL J . -0.70 -18.49 15.55
O3 GOL J . -0.90 -19.85 15.76
C1 GOL K . 8.08 -4.90 20.26
O1 GOL K . 7.19 -4.07 19.57
C2 GOL K . 9.05 -5.39 19.27
O2 GOL K . 9.85 -4.43 18.64
C3 GOL K . 9.94 -6.41 19.99
O3 GOL K . 9.79 -7.52 19.21
S SO4 L . -5.11 -11.39 12.87
O1 SO4 L . -6.38 -10.77 13.26
O2 SO4 L . -4.92 -12.63 13.60
O3 SO4 L . -5.13 -11.66 11.44
O4 SO4 L . -4.02 -10.47 13.16
#